data_4ADT
#
_entry.id   4ADT
#
_cell.length_a   180.471
_cell.length_b   180.471
_cell.length_c   102.042
_cell.angle_alpha   90.00
_cell.angle_beta   90.00
_cell.angle_gamma   120.00
#
_symmetry.space_group_name_H-M   'H 3 2'
#
loop_
_entity.id
_entity.type
_entity.pdbx_description
1 polymer 'PYRIDOXINE BIOSYNTHETIC ENZYME PDX1 HOMOLOGUE, PUTATIVE'
2 non-polymer 'PHOSPHATE ION'
3 water water
#
_entity_poly.entity_id   1
_entity_poly.type   'polypeptide(L)'
_entity_poly.pdbx_seq_one_letter_code
;MRDYADNDSILLKHGWCEMLKGGVIMDVKNVEQAKIAEKAGAIGVMILENIPSELRNTDGVARSVDPLKIEEIRKCISIN
VLAKVRIGHFVEAQILEELKVDMLDESEVLTMADEYNHINKHKFKTPFVCGCTNLGEALRRISEGASMIRTKGEAGTGNI
IEAIKHIRTVNNEIKYLCSLDESEVYNFAKKLRAPIDLILLTRKLKRLPVVNFAAGGIATPADAAMCMQLGMDGVFVGSG
IFESENPQKMASSIVMAVSNFNNPKILLNVSLGLGKAMHGNTKVSNKWKNKSEEDNS
;
_entity_poly.pdbx_strand_id   A,B
#
# COMPACT_ATOMS: atom_id res chain seq x y z
N ASP A 6 -29.15 -15.21 9.70
CA ASP A 6 -28.28 -14.07 9.24
C ASP A 6 -27.03 -14.62 8.52
N ASN A 7 -26.15 -15.26 9.30
CA ASN A 7 -24.96 -16.03 8.82
C ASN A 7 -25.26 -16.89 7.59
N ASP A 8 -26.26 -17.75 7.73
CA ASP A 8 -26.74 -18.60 6.65
C ASP A 8 -27.42 -17.84 5.51
N SER A 9 -28.18 -16.80 5.81
CA SER A 9 -28.85 -16.08 4.72
C SER A 9 -27.83 -15.30 3.87
N ILE A 10 -26.76 -14.81 4.52
CA ILE A 10 -25.62 -14.24 3.81
C ILE A 10 -24.89 -15.29 2.95
N LEU A 11 -24.70 -16.51 3.46
CA LEU A 11 -23.96 -17.52 2.72
C LEU A 11 -24.74 -17.94 1.48
N LEU A 12 -26.04 -17.89 1.63
CA LEU A 12 -26.98 -18.28 0.58
C LEU A 12 -26.98 -17.34 -0.63
N LYS A 13 -27.03 -16.06 -0.33
CA LYS A 13 -26.84 -15.02 -1.32
C LYS A 13 -25.46 -15.04 -1.96
N HIS A 14 -24.42 -15.36 -1.18
CA HIS A 14 -23.04 -15.45 -1.72
C HIS A 14 -23.04 -16.62 -2.73
N GLY A 15 -23.63 -17.75 -2.35
CA GLY A 15 -23.67 -18.94 -3.22
C GLY A 15 -24.29 -18.60 -4.56
N TRP A 16 -25.38 -17.85 -4.48
CA TRP A 16 -26.09 -17.45 -5.67
C TRP A 16 -25.29 -16.52 -6.60
N CYS A 17 -24.63 -15.51 -6.04
CA CYS A 17 -23.84 -14.53 -6.83
C CYS A 17 -22.59 -15.11 -7.51
N GLU A 18 -22.06 -16.20 -6.96
CA GLU A 18 -20.91 -16.88 -7.53
C GLU A 18 -21.22 -17.41 -8.93
N MET A 19 -22.47 -17.79 -9.11
CA MET A 19 -22.98 -18.21 -10.40
C MET A 19 -22.68 -17.20 -11.50
N LEU A 20 -22.46 -15.95 -11.11
CA LEU A 20 -22.31 -14.88 -12.08
C LEU A 20 -20.88 -14.74 -12.53
N LYS A 21 -19.91 -15.37 -11.87
CA LYS A 21 -18.50 -15.14 -12.21
C LYS A 21 -18.32 -15.48 -13.68
N GLY A 22 -17.52 -14.68 -14.40
CA GLY A 22 -17.27 -14.86 -15.83
C GLY A 22 -18.41 -14.43 -16.75
N GLY A 23 -19.44 -13.83 -16.16
CA GLY A 23 -20.58 -13.39 -16.93
C GLY A 23 -20.63 -11.91 -17.33
N VAL A 24 -21.51 -11.62 -18.28
CA VAL A 24 -21.78 -10.30 -18.70
C VAL A 24 -23.28 -10.00 -18.48
N ILE A 25 -23.54 -8.96 -17.67
CA ILE A 25 -24.88 -8.43 -17.53
C ILE A 25 -25.03 -7.19 -18.37
N MET A 26 -26.17 -7.09 -19.05
CA MET A 26 -26.42 -6.05 -20.06
C MET A 26 -27.69 -5.27 -19.76
N ASP A 27 -27.60 -3.97 -19.98
CA ASP A 27 -28.68 -3.05 -19.68
C ASP A 27 -29.63 -3.01 -20.87
N VAL A 28 -30.91 -3.24 -20.60
CA VAL A 28 -31.91 -3.26 -21.65
C VAL A 28 -33.12 -2.38 -21.34
N LYS A 29 -33.65 -1.83 -22.41
CA LYS A 29 -34.75 -0.85 -22.39
C LYS A 29 -36.07 -1.44 -22.90
N ASN A 30 -35.98 -2.56 -23.61
CA ASN A 30 -37.14 -3.21 -24.18
C ASN A 30 -36.89 -4.68 -24.49
N VAL A 31 -37.92 -5.37 -24.97
CA VAL A 31 -37.85 -6.82 -25.20
C VAL A 31 -36.84 -7.22 -26.27
N GLU A 32 -36.75 -6.37 -27.29
CA GLU A 32 -35.90 -6.62 -28.44
C GLU A 32 -34.48 -6.59 -27.93
N GLN A 33 -34.25 -5.74 -26.95
CA GLN A 33 -32.93 -5.57 -26.41
C GLN A 33 -32.60 -6.73 -25.52
N ALA A 34 -33.54 -7.11 -24.67
CA ALA A 34 -33.42 -8.32 -23.86
C ALA A 34 -33.06 -9.54 -24.69
N LYS A 35 -33.69 -9.68 -25.85
CA LYS A 35 -33.53 -10.87 -26.69
C LYS A 35 -32.15 -10.98 -27.31
N ILE A 36 -31.72 -9.89 -27.92
CA ILE A 36 -30.33 -9.65 -28.28
C ILE A 36 -29.34 -10.02 -27.18
N ALA A 37 -29.61 -9.55 -25.97
CA ALA A 37 -28.72 -9.84 -24.85
C ALA A 37 -28.71 -11.35 -24.62
N GLU A 38 -29.88 -11.96 -24.55
CA GLU A 38 -29.99 -13.42 -24.32
C GLU A 38 -29.26 -14.18 -25.42
N LYS A 39 -29.51 -13.77 -26.63
CA LYS A 39 -28.85 -14.40 -27.76
C LYS A 39 -27.33 -14.35 -27.72
N ALA A 40 -26.78 -13.27 -27.16
CA ALA A 40 -25.35 -13.03 -27.14
C ALA A 40 -24.61 -13.83 -26.10
N GLY A 41 -25.30 -14.37 -25.11
CA GLY A 41 -24.64 -15.14 -24.06
C GLY A 41 -24.58 -14.47 -22.69
N ALA A 42 -25.30 -13.37 -22.55
CA ALA A 42 -25.44 -12.66 -21.28
C ALA A 42 -26.04 -13.53 -20.22
N ILE A 43 -25.46 -13.52 -19.02
CA ILE A 43 -26.02 -14.29 -17.89
C ILE A 43 -27.12 -13.51 -17.24
N GLY A 44 -27.37 -12.31 -17.72
CA GLY A 44 -28.40 -11.53 -17.08
C GLY A 44 -28.65 -10.23 -17.78
N VAL A 45 -29.84 -9.67 -17.58
CA VAL A 45 -30.06 -8.32 -18.04
C VAL A 45 -30.52 -7.43 -16.92
N MET A 46 -30.29 -6.15 -17.10
CA MET A 46 -30.63 -5.16 -16.08
C MET A 46 -31.59 -4.21 -16.74
N ILE A 47 -32.78 -4.05 -16.18
CA ILE A 47 -33.79 -3.35 -16.92
C ILE A 47 -33.78 -1.85 -16.64
N LEU A 48 -33.85 -1.04 -17.71
CA LEU A 48 -33.79 0.40 -17.60
C LEU A 48 -35.06 1.06 -18.12
N GLU A 49 -35.34 2.23 -17.55
CA GLU A 49 -36.34 3.13 -18.12
C GLU A 49 -36.08 3.43 -19.64
N ASN A 50 -37.15 3.30 -20.43
CA ASN A 50 -37.15 3.56 -21.87
C ASN A 50 -37.43 5.05 -22.13
N ILE A 51 -36.40 5.85 -22.35
CA ILE A 51 -36.57 7.31 -22.44
C ILE A 51 -36.48 7.80 -23.91
N PRO A 52 -37.60 8.38 -24.47
CA PRO A 52 -37.56 8.92 -25.87
C PRO A 52 -36.67 10.16 -26.05
N THR A 58 -34.02 16.78 -21.50
CA THR A 58 -34.71 16.46 -20.26
C THR A 58 -33.75 16.28 -19.03
N ASP A 59 -34.29 16.67 -17.87
CA ASP A 59 -33.59 16.85 -16.55
C ASP A 59 -34.26 16.00 -15.45
N GLY A 60 -34.77 14.83 -15.86
CA GLY A 60 -35.84 14.19 -15.14
C GLY A 60 -35.34 13.54 -13.87
N VAL A 61 -36.21 13.34 -12.89
CA VAL A 61 -35.87 12.50 -11.80
C VAL A 61 -35.95 11.07 -12.31
N ALA A 62 -34.86 10.30 -12.16
CA ALA A 62 -34.79 8.91 -12.57
C ALA A 62 -35.11 7.99 -11.39
N ARG A 63 -36.21 7.23 -11.47
CA ARG A 63 -36.70 6.36 -10.39
C ARG A 63 -36.63 4.89 -10.78
N SER A 64 -36.96 3.96 -9.89
CA SER A 64 -37.01 2.56 -10.26
C SER A 64 -38.09 2.40 -11.36
N VAL A 65 -37.92 1.47 -12.28
CA VAL A 65 -38.90 1.21 -13.33
C VAL A 65 -40.24 0.59 -12.82
N ASP A 66 -41.31 0.86 -13.56
CA ASP A 66 -42.64 0.26 -13.36
C ASP A 66 -42.56 -1.24 -13.36
N PRO A 67 -42.97 -1.89 -12.26
CA PRO A 67 -42.88 -3.36 -12.17
C PRO A 67 -43.42 -4.13 -13.39
N LEU A 68 -44.46 -3.59 -13.99
CA LEU A 68 -45.14 -4.22 -15.14
C LEU A 68 -44.20 -4.37 -16.34
N LYS A 69 -43.35 -3.38 -16.52
CA LYS A 69 -42.38 -3.38 -17.58
C LYS A 69 -41.30 -4.42 -17.31
N ILE A 70 -41.02 -4.69 -16.04
CA ILE A 70 -40.12 -5.74 -15.69
C ILE A 70 -40.76 -7.09 -15.95
N GLU A 71 -41.99 -7.27 -15.49
CA GLU A 71 -42.78 -8.50 -15.72
C GLU A 71 -42.87 -8.85 -17.23
N GLU A 72 -43.06 -7.84 -18.07
CA GLU A 72 -43.20 -8.02 -19.52
C GLU A 72 -41.94 -8.51 -20.18
N ILE A 73 -40.79 -8.07 -19.70
CA ILE A 73 -39.53 -8.43 -20.32
C ILE A 73 -39.10 -9.80 -19.82
N ARG A 74 -39.32 -10.08 -18.53
CA ARG A 74 -38.87 -11.29 -17.89
C ARG A 74 -39.54 -12.54 -18.46
N LYS A 75 -40.79 -12.40 -18.88
CA LYS A 75 -41.54 -13.54 -19.45
C LYS A 75 -41.19 -13.84 -20.89
N CYS A 76 -40.33 -13.04 -21.52
CA CYS A 76 -39.88 -13.32 -22.89
C CYS A 76 -38.41 -13.79 -22.93
N ILE A 77 -37.81 -14.08 -21.78
CA ILE A 77 -36.45 -14.60 -21.72
C ILE A 77 -36.33 -15.52 -20.50
N SER A 78 -35.22 -16.24 -20.42
CA SER A 78 -35.02 -17.18 -19.33
C SER A 78 -33.71 -16.94 -18.59
N ILE A 79 -33.04 -15.83 -18.88
CA ILE A 79 -31.80 -15.49 -18.16
C ILE A 79 -32.15 -14.60 -16.99
N ASN A 80 -31.17 -14.31 -16.14
CA ASN A 80 -31.45 -13.56 -14.92
C ASN A 80 -31.95 -12.13 -15.17
N VAL A 81 -32.77 -11.66 -14.27
CA VAL A 81 -33.35 -10.34 -14.41
C VAL A 81 -33.08 -9.48 -13.17
N LEU A 82 -32.42 -8.34 -13.40
CA LEU A 82 -32.06 -7.39 -12.37
C LEU A 82 -32.78 -6.04 -12.60
N ALA A 83 -32.99 -5.29 -11.50
CA ALA A 83 -33.52 -3.91 -11.56
C ALA A 83 -32.79 -2.92 -10.61
N LYS A 84 -32.98 -1.63 -10.90
CA LYS A 84 -32.36 -0.55 -10.13
C LYS A 84 -33.35 0.14 -9.13
N VAL A 85 -32.83 0.47 -7.94
CA VAL A 85 -33.48 1.39 -7.03
C VAL A 85 -32.59 2.58 -6.67
N ARG A 86 -33.26 3.64 -6.22
CA ARG A 86 -32.59 4.85 -5.82
C ARG A 86 -31.93 4.65 -4.47
N ILE A 87 -30.78 5.30 -4.28
CA ILE A 87 -30.00 5.13 -3.09
C ILE A 87 -30.81 5.57 -1.91
N GLY A 88 -30.90 4.71 -0.92
CA GLY A 88 -31.63 5.02 0.29
C GLY A 88 -33.14 4.87 0.12
N HIS A 89 -33.61 4.42 -1.04
CA HIS A 89 -35.05 4.24 -1.21
C HIS A 89 -35.49 2.80 -0.90
N PHE A 90 -35.69 2.53 0.38
CA PHE A 90 -35.99 1.18 0.81
C PHE A 90 -37.39 0.73 0.45
N VAL A 91 -38.30 1.65 0.14
CA VAL A 91 -39.61 1.22 -0.31
C VAL A 91 -39.65 0.77 -1.77
N GLU A 92 -38.87 1.40 -2.65
CA GLU A 92 -38.71 0.87 -4.01
C GLU A 92 -38.15 -0.54 -3.98
N ALA A 93 -37.24 -0.80 -3.04
CA ALA A 93 -36.64 -2.13 -2.89
C ALA A 93 -37.70 -3.13 -2.35
N GLN A 94 -38.53 -2.68 -1.40
CA GLN A 94 -39.56 -3.55 -0.82
C GLN A 94 -40.53 -4.04 -1.92
N ILE A 95 -40.79 -3.15 -2.84
CA ILE A 95 -41.73 -3.40 -3.90
C ILE A 95 -41.17 -4.42 -4.91
N LEU A 96 -39.90 -4.25 -5.25
CA LEU A 96 -39.23 -5.18 -6.18
C LEU A 96 -38.90 -6.51 -5.57
N GLU A 97 -38.70 -6.53 -4.26
CA GLU A 97 -38.51 -7.79 -3.52
C GLU A 97 -39.78 -8.63 -3.71
N GLU A 98 -40.93 -7.98 -3.53
CA GLU A 98 -42.22 -8.65 -3.65
C GLU A 98 -42.48 -9.13 -5.07
N LEU A 99 -41.86 -8.46 -6.01
CA LEU A 99 -41.90 -8.93 -7.38
C LEU A 99 -40.93 -10.07 -7.72
N LYS A 100 -40.07 -10.53 -6.80
CA LYS A 100 -39.22 -11.73 -7.06
C LYS A 100 -38.19 -11.59 -8.19
N VAL A 101 -37.75 -10.37 -8.42
CA VAL A 101 -36.56 -10.05 -9.21
C VAL A 101 -35.27 -10.77 -8.72
N ASP A 102 -34.27 -10.99 -9.57
CA ASP A 102 -33.10 -11.83 -9.16
C ASP A 102 -32.05 -11.11 -8.30
N MET A 103 -31.91 -9.81 -8.56
CA MET A 103 -30.98 -8.97 -7.86
C MET A 103 -31.43 -7.49 -8.04
N LEU A 104 -31.11 -6.66 -7.06
CA LEU A 104 -31.29 -5.25 -7.13
C LEU A 104 -29.96 -4.51 -7.16
N ASP A 105 -29.93 -3.41 -7.89
CA ASP A 105 -28.78 -2.53 -7.92
C ASP A 105 -29.17 -1.22 -7.27
N GLU A 106 -28.63 -0.95 -6.09
CA GLU A 106 -28.84 0.35 -5.46
C GLU A 106 -27.86 1.29 -6.16
N SER A 107 -28.39 2.09 -7.07
CA SER A 107 -27.61 2.73 -8.09
C SER A 107 -27.51 4.24 -7.99
N GLU A 108 -26.29 4.72 -8.11
CA GLU A 108 -25.97 6.16 -8.14
C GLU A 108 -26.26 6.83 -9.47
N VAL A 109 -26.64 6.03 -10.45
CA VAL A 109 -27.09 6.54 -11.72
C VAL A 109 -28.57 7.00 -11.62
N LEU A 110 -29.34 6.51 -10.66
CA LEU A 110 -30.67 7.04 -10.46
C LEU A 110 -30.51 8.23 -9.49
N THR A 111 -31.56 9.02 -9.32
CA THR A 111 -31.50 10.17 -8.38
C THR A 111 -31.60 9.75 -6.90
N MET A 112 -30.63 10.19 -6.09
CA MET A 112 -30.53 9.78 -4.72
C MET A 112 -31.84 10.06 -4.04
N ALA A 113 -32.31 9.15 -3.20
CA ALA A 113 -33.52 9.45 -2.41
C ALA A 113 -33.15 9.90 -1.01
N ASP A 114 -31.97 9.56 -0.55
CA ASP A 114 -31.57 9.92 0.80
C ASP A 114 -30.08 10.26 0.77
N GLU A 115 -29.71 11.49 1.14
CA GLU A 115 -28.34 11.94 0.90
C GLU A 115 -27.36 11.49 1.98
N TYR A 116 -27.86 10.91 3.06
CA TYR A 116 -26.99 10.35 4.12
C TYR A 116 -26.94 8.82 4.28
N ASN A 117 -28.08 8.14 4.12
CA ASN A 117 -28.17 6.72 4.34
C ASN A 117 -28.44 5.88 3.09
N HIS A 118 -27.74 4.76 2.95
CA HIS A 118 -28.07 3.71 1.97
C HIS A 118 -29.15 2.77 2.55
N ILE A 119 -29.78 1.96 1.70
CA ILE A 119 -30.75 0.98 2.14
C ILE A 119 -30.04 0.02 3.09
N ASN A 120 -30.74 -0.40 4.14
CA ASN A 120 -30.20 -1.48 4.96
C ASN A 120 -30.52 -2.80 4.25
N LYS A 121 -29.52 -3.41 3.60
CA LYS A 121 -29.81 -4.43 2.62
C LYS A 121 -29.94 -5.82 3.29
N HIS A 122 -29.59 -5.86 4.59
CA HIS A 122 -29.77 -7.06 5.43
C HIS A 122 -31.24 -7.44 5.58
N LYS A 123 -32.11 -6.47 5.34
CA LYS A 123 -33.54 -6.69 5.48
C LYS A 123 -34.25 -7.28 4.26
N PHE A 124 -33.49 -7.78 3.29
CA PHE A 124 -34.07 -8.31 2.10
C PHE A 124 -33.50 -9.65 1.78
N LYS A 125 -34.34 -10.46 1.15
CA LYS A 125 -33.93 -11.75 0.65
C LYS A 125 -33.21 -11.62 -0.69
N THR A 126 -33.60 -10.62 -1.47
CA THR A 126 -32.99 -10.39 -2.75
C THR A 126 -31.60 -9.83 -2.56
N PRO A 127 -30.62 -10.43 -3.26
CA PRO A 127 -29.29 -9.90 -3.04
C PRO A 127 -29.20 -8.52 -3.71
N PHE A 128 -28.35 -7.64 -3.15
CA PHE A 128 -27.96 -6.38 -3.78
C PHE A 128 -26.53 -6.33 -4.32
N VAL A 129 -26.43 -5.62 -5.45
CA VAL A 129 -25.18 -5.07 -5.94
C VAL A 129 -25.14 -3.55 -5.61
N CYS A 130 -23.93 -3.03 -5.30
CA CYS A 130 -23.67 -1.60 -5.13
C CYS A 130 -22.37 -1.19 -5.80
N GLY A 131 -22.20 0.12 -5.97
CA GLY A 131 -21.03 0.68 -6.64
C GLY A 131 -19.96 1.17 -5.69
N CYS A 132 -18.72 1.27 -6.18
CA CYS A 132 -17.63 1.81 -5.41
C CYS A 132 -16.55 2.38 -6.32
N THR A 133 -15.77 3.28 -5.75
CA THR A 133 -14.58 3.79 -6.42
C THR A 133 -13.38 3.49 -5.57
N ASN A 134 -13.56 2.84 -4.43
CA ASN A 134 -12.42 2.61 -3.57
C ASN A 134 -12.76 1.62 -2.47
N LEU A 135 -11.78 1.11 -1.76
CA LEU A 135 -12.03 -0.02 -0.86
C LEU A 135 -12.91 0.28 0.40
N GLY A 136 -12.73 1.43 1.03
CA GLY A 136 -13.59 1.77 2.15
C GLY A 136 -15.06 1.75 1.74
N GLU A 137 -15.39 2.53 0.71
CA GLU A 137 -16.73 2.55 0.11
C GLU A 137 -17.22 1.10 -0.19
N ALA A 138 -16.40 0.26 -0.80
CA ALA A 138 -16.86 -1.09 -1.08
C ALA A 138 -17.28 -1.77 0.22
N LEU A 139 -16.40 -1.65 1.21
CA LEU A 139 -16.58 -2.41 2.42
C LEU A 139 -17.77 -1.90 3.25
N ARG A 140 -18.05 -0.61 3.14
CA ARG A 140 -19.20 -0.04 3.82
C ARG A 140 -20.52 -0.51 3.18
N ARG A 141 -20.53 -0.65 1.85
CA ARG A 141 -21.66 -1.27 1.14
C ARG A 141 -21.85 -2.73 1.53
N ILE A 142 -20.79 -3.51 1.59
CA ILE A 142 -20.89 -4.90 2.12
C ILE A 142 -21.37 -4.89 3.59
N SER A 143 -20.86 -3.95 4.36
CA SER A 143 -21.24 -3.89 5.77
C SER A 143 -22.76 -3.68 5.92
N GLU A 144 -23.32 -2.84 5.03
CA GLU A 144 -24.75 -2.58 4.98
C GLU A 144 -25.55 -3.74 4.40
N GLY A 145 -24.86 -4.71 3.78
CA GLY A 145 -25.54 -5.90 3.28
C GLY A 145 -25.44 -6.21 1.80
N ALA A 146 -24.65 -5.47 1.05
CA ALA A 146 -24.56 -5.75 -0.38
C ALA A 146 -23.94 -7.15 -0.47
N SER A 147 -24.35 -7.96 -1.46
CA SER A 147 -23.79 -9.28 -1.78
C SER A 147 -22.83 -9.23 -2.95
N MET A 148 -22.77 -8.11 -3.64
CA MET A 148 -21.93 -7.99 -4.86
C MET A 148 -21.52 -6.54 -4.99
N ILE A 149 -20.39 -6.26 -5.63
CA ILE A 149 -19.94 -4.90 -5.84
C ILE A 149 -19.55 -4.70 -7.29
N ARG A 150 -19.71 -3.46 -7.76
CA ARG A 150 -19.17 -3.06 -9.00
C ARG A 150 -18.46 -1.71 -8.87
N THR A 151 -17.56 -1.44 -9.83
CA THR A 151 -16.98 -0.11 -9.93
C THR A 151 -18.08 0.81 -10.42
N LYS A 152 -17.89 2.10 -10.20
CA LYS A 152 -18.85 3.07 -10.68
C LYS A 152 -18.49 3.40 -12.08
N GLY A 153 -17.19 3.46 -12.37
CA GLY A 153 -16.73 3.96 -13.67
C GLY A 153 -17.38 5.30 -14.01
N GLU A 154 -17.54 5.55 -15.30
CA GLU A 154 -18.21 6.74 -15.79
C GLU A 154 -19.37 6.32 -16.70
N ALA A 155 -20.56 6.24 -16.11
CA ALA A 155 -21.69 5.61 -16.77
C ALA A 155 -22.10 6.37 -18.01
N GLY A 156 -22.25 5.68 -19.13
CA GLY A 156 -22.80 6.31 -20.35
C GLY A 156 -21.82 7.08 -21.23
N THR A 157 -20.59 7.27 -20.79
CA THR A 157 -19.62 8.03 -21.60
C THR A 157 -18.86 7.21 -22.66
N GLY A 158 -18.88 5.88 -22.60
CA GLY A 158 -18.08 5.07 -23.53
C GLY A 158 -16.56 5.22 -23.33
N ASN A 159 -16.18 5.82 -22.22
CA ASN A 159 -14.74 6.03 -21.86
C ASN A 159 -14.36 5.17 -20.66
N ILE A 160 -13.30 4.37 -20.79
CA ILE A 160 -13.03 3.33 -19.85
C ILE A 160 -12.19 3.83 -18.69
N ILE A 161 -11.68 5.06 -18.81
CA ILE A 161 -10.61 5.54 -17.90
C ILE A 161 -10.93 5.56 -16.39
N GLU A 162 -12.11 6.03 -16.02
CA GLU A 162 -12.52 5.98 -14.63
C GLU A 162 -12.67 4.58 -14.09
N ALA A 163 -13.31 3.66 -14.84
CA ALA A 163 -13.39 2.25 -14.39
C ALA A 163 -12.01 1.77 -14.07
N ILE A 164 -11.06 1.98 -14.98
CA ILE A 164 -9.71 1.48 -14.77
C ILE A 164 -9.14 2.02 -13.46
N LYS A 165 -9.25 3.33 -13.28
CA LYS A 165 -8.81 3.90 -12.04
C LYS A 165 -9.46 3.27 -10.81
N HIS A 166 -10.77 3.10 -10.84
CA HIS A 166 -11.44 2.49 -9.72
C HIS A 166 -10.96 1.06 -9.53
N ILE A 167 -10.70 0.32 -10.62
CA ILE A 167 -10.28 -1.07 -10.47
C ILE A 167 -8.89 -1.11 -9.83
N ARG A 168 -7.99 -0.25 -10.30
CA ARG A 168 -6.63 -0.22 -9.77
C ARG A 168 -6.59 0.26 -8.30
N THR A 169 -7.45 1.22 -7.95
CA THR A 169 -7.47 1.73 -6.59
C THR A 169 -7.86 0.63 -5.57
N VAL A 170 -8.95 -0.07 -5.79
CA VAL A 170 -9.33 -1.15 -4.89
C VAL A 170 -8.30 -2.31 -4.90
N ASN A 171 -7.72 -2.61 -6.06
CA ASN A 171 -6.77 -3.71 -6.15
C ASN A 171 -5.54 -3.44 -5.32
N ASN A 172 -5.05 -2.21 -5.34
CA ASN A 172 -3.92 -1.89 -4.53
C ASN A 172 -4.25 -1.97 -3.04
N GLU A 173 -5.25 -1.19 -2.62
CA GLU A 173 -5.53 -1.09 -1.19
C GLU A 173 -5.68 -2.54 -0.68
N ILE A 174 -6.33 -3.41 -1.45
CA ILE A 174 -6.48 -4.82 -1.03
C ILE A 174 -5.18 -5.63 -0.83
N LYS A 175 -4.18 -5.41 -1.69
CA LYS A 175 -2.94 -6.22 -1.60
C LYS A 175 -1.99 -5.61 -0.55
N TYR A 176 -2.06 -4.29 -0.42
CA TYR A 176 -1.38 -3.61 0.64
C TYR A 176 -1.96 -4.04 2.02
N LEU A 177 -3.25 -3.87 2.20
CA LEU A 177 -3.87 -4.29 3.45
C LEU A 177 -3.33 -5.67 3.83
N CYS A 178 -3.27 -6.55 2.82
CA CYS A 178 -2.76 -7.90 3.01
C CYS A 178 -1.31 -7.97 3.52
N SER A 179 -0.53 -6.90 3.32
CA SER A 179 0.86 -6.81 3.78
C SER A 179 1.04 -6.31 5.23
N LEU A 180 0.21 -5.34 5.65
CA LEU A 180 0.34 -4.64 6.97
C LEU A 180 0.48 -5.54 8.15
N ASP A 181 1.20 -5.11 9.17
CA ASP A 181 1.26 -5.94 10.39
C ASP A 181 -0.01 -5.83 11.22
N GLU A 182 -0.26 -6.85 12.04
CA GLU A 182 -1.43 -6.91 12.91
C GLU A 182 -1.62 -5.66 13.74
N SER A 183 -0.55 -4.91 13.93
CA SER A 183 -0.68 -3.65 14.59
C SER A 183 -1.25 -2.55 13.69
N GLU A 184 -0.73 -2.45 12.46
CA GLU A 184 -1.03 -1.31 11.61
C GLU A 184 -2.48 -1.31 11.08
N VAL A 185 -3.17 -2.43 11.21
CA VAL A 185 -4.43 -2.64 10.54
C VAL A 185 -5.55 -1.73 11.13
N TYR A 186 -5.43 -1.36 12.39
CA TYR A 186 -6.41 -0.52 13.03
C TYR A 186 -6.50 0.87 12.50
N ASN A 187 -5.35 1.54 12.41
CA ASN A 187 -5.29 2.90 11.88
C ASN A 187 -5.72 2.90 10.42
N PHE A 188 -5.41 1.86 9.64
CA PHE A 188 -5.82 1.81 8.24
C PHE A 188 -7.37 1.73 8.21
N ALA A 189 -7.96 1.00 9.17
CA ALA A 189 -9.42 0.81 9.24
C ALA A 189 -10.10 2.18 9.44
N LYS A 190 -9.56 2.92 10.38
CA LYS A 190 -9.95 4.28 10.61
C LYS A 190 -9.71 5.23 9.42
N LYS A 191 -8.60 5.06 8.70
CA LYS A 191 -8.39 5.82 7.45
C LYS A 191 -9.41 5.48 6.32
N LEU A 192 -9.75 4.21 6.13
CA LEU A 192 -10.75 3.81 5.12
C LEU A 192 -12.19 4.02 5.62
N ARG A 193 -12.34 4.40 6.88
CA ARG A 193 -13.65 4.45 7.56
C ARG A 193 -14.46 3.22 7.21
N ALA A 194 -13.86 2.07 7.48
CA ALA A 194 -14.44 0.77 7.15
C ALA A 194 -14.37 -0.07 8.44
N PRO A 195 -15.22 -1.10 8.55
CA PRO A 195 -15.25 -1.99 9.71
C PRO A 195 -14.04 -2.90 9.78
N ILE A 196 -13.34 -2.93 10.92
CA ILE A 196 -12.14 -3.80 11.10
C ILE A 196 -12.41 -5.27 10.79
N ASP A 197 -13.63 -5.74 11.08
CA ASP A 197 -14.00 -7.13 10.81
C ASP A 197 -13.84 -7.50 9.32
N LEU A 198 -14.44 -6.69 8.46
CA LEU A 198 -14.38 -6.93 7.03
C LEU A 198 -13.00 -6.64 6.46
N ILE A 199 -12.24 -5.72 7.07
CA ILE A 199 -10.84 -5.53 6.68
C ILE A 199 -10.02 -6.78 7.00
N LEU A 200 -10.21 -7.34 8.18
CA LEU A 200 -9.47 -8.54 8.53
C LEU A 200 -9.84 -9.72 7.61
N LEU A 201 -11.10 -9.75 7.18
CA LEU A 201 -11.60 -10.83 6.35
C LEU A 201 -11.09 -10.67 4.93
N THR A 202 -11.04 -9.43 4.42
CA THR A 202 -10.47 -9.16 3.09
C THR A 202 -9.05 -9.72 3.09
N ARG A 203 -8.50 -9.73 4.28
CA ARG A 203 -7.12 -9.95 4.46
C ARG A 203 -6.81 -11.43 4.60
N LYS A 204 -7.68 -12.20 5.25
CA LYS A 204 -7.51 -13.65 5.25
C LYS A 204 -8.01 -14.32 3.94
N LEU A 205 -8.83 -13.63 3.13
CA LEU A 205 -9.26 -14.13 1.79
C LEU A 205 -8.34 -13.72 0.67
N LYS A 206 -7.50 -12.70 0.91
CA LYS A 206 -6.58 -12.16 -0.09
C LYS A 206 -7.32 -11.51 -1.23
N ARG A 207 -8.58 -11.15 -1.02
CA ARG A 207 -9.35 -10.42 -2.05
C ARG A 207 -10.61 -9.79 -1.49
N LEU A 208 -11.39 -9.17 -2.36
CA LEU A 208 -12.68 -8.64 -1.96
C LEU A 208 -13.57 -9.79 -1.53
N PRO A 209 -14.25 -9.64 -0.41
CA PRO A 209 -15.06 -10.75 0.11
C PRO A 209 -16.37 -11.06 -0.64
N VAL A 210 -16.68 -10.34 -1.74
CA VAL A 210 -17.86 -10.63 -2.54
C VAL A 210 -17.48 -10.51 -3.98
N VAL A 211 -18.32 -11.05 -4.86
CA VAL A 211 -18.15 -10.94 -6.28
C VAL A 211 -18.00 -9.45 -6.68
N ASN A 212 -17.12 -9.17 -7.62
CA ASN A 212 -16.74 -7.82 -7.97
C ASN A 212 -16.64 -7.59 -9.48
N PHE A 213 -17.58 -6.83 -10.05
CA PHE A 213 -17.69 -6.61 -11.49
C PHE A 213 -17.28 -5.22 -11.90
N ALA A 214 -16.83 -5.09 -13.13
CA ALA A 214 -16.53 -3.79 -13.70
C ALA A 214 -17.81 -3.22 -14.30
N ALA A 215 -17.96 -1.90 -14.26
CA ALA A 215 -19.15 -1.26 -14.83
C ALA A 215 -18.80 0.20 -15.18
N GLY A 216 -19.35 0.69 -16.29
CA GLY A 216 -19.34 2.12 -16.63
C GLY A 216 -18.32 2.43 -17.67
N GLY A 217 -18.72 2.69 -18.92
CA GLY A 217 -17.76 3.01 -19.95
C GLY A 217 -17.21 1.93 -20.87
N ILE A 218 -17.58 0.67 -20.66
CA ILE A 218 -17.10 -0.41 -21.54
C ILE A 218 -17.72 -0.34 -22.94
N ALA A 219 -16.86 -0.21 -23.95
CA ALA A 219 -17.31 0.07 -25.31
C ALA A 219 -16.77 -0.86 -26.42
N THR A 220 -15.75 -1.64 -26.12
CA THR A 220 -15.16 -2.59 -27.07
C THR A 220 -14.83 -3.92 -26.38
N PRO A 221 -14.69 -5.01 -27.18
CA PRO A 221 -14.19 -6.22 -26.55
C PRO A 221 -12.91 -5.98 -25.81
N ALA A 222 -12.09 -5.06 -26.32
CA ALA A 222 -10.79 -4.85 -25.73
C ALA A 222 -10.96 -4.21 -24.35
N ASP A 223 -11.89 -3.26 -24.20
CA ASP A 223 -12.21 -2.71 -22.83
C ASP A 223 -12.58 -3.80 -21.84
N ALA A 224 -13.46 -4.71 -22.27
CA ALA A 224 -13.98 -5.77 -21.40
C ALA A 224 -12.85 -6.70 -20.91
N ALA A 225 -11.96 -7.09 -21.78
CA ALA A 225 -10.97 -8.08 -21.40
C ALA A 225 -9.95 -7.43 -20.50
N MET A 226 -9.65 -6.16 -20.76
CA MET A 226 -8.72 -5.43 -19.91
C MET A 226 -9.18 -5.45 -18.46
N CYS A 227 -10.45 -5.18 -18.26
CA CYS A 227 -10.97 -5.20 -16.92
C CYS A 227 -10.83 -6.60 -16.35
N MET A 228 -11.08 -7.66 -17.15
CA MET A 228 -10.86 -9.01 -16.63
C MET A 228 -9.38 -9.27 -16.38
N GLN A 229 -8.50 -8.85 -17.26
CA GLN A 229 -7.09 -9.14 -16.99
C GLN A 229 -6.67 -8.45 -15.69
N LEU A 230 -7.39 -7.41 -15.24
CA LEU A 230 -7.01 -6.72 -13.98
C LEU A 230 -7.66 -7.39 -12.78
N GLY A 231 -8.31 -8.52 -12.99
CA GLY A 231 -8.78 -9.32 -11.87
C GLY A 231 -10.25 -9.24 -11.52
N MET A 232 -11.07 -8.60 -12.34
CA MET A 232 -12.48 -8.52 -12.07
C MET A 232 -13.17 -9.88 -12.33
N ASP A 233 -14.32 -10.08 -11.69
CA ASP A 233 -15.09 -11.29 -11.87
C ASP A 233 -16.07 -11.23 -13.02
N GLY A 234 -16.20 -10.08 -13.67
CA GLY A 234 -17.18 -9.90 -14.73
C GLY A 234 -17.46 -8.44 -15.06
N VAL A 235 -18.49 -8.23 -15.87
CA VAL A 235 -18.70 -6.94 -16.50
C VAL A 235 -20.21 -6.58 -16.63
N PHE A 236 -20.59 -5.34 -16.33
CA PHE A 236 -21.83 -4.73 -16.79
C PHE A 236 -21.55 -3.84 -18.01
N VAL A 237 -22.37 -3.96 -19.05
CA VAL A 237 -22.31 -3.11 -20.22
C VAL A 237 -23.69 -2.60 -20.59
N GLY A 238 -23.76 -1.37 -21.07
CA GLY A 238 -25.04 -0.76 -21.43
C GLY A 238 -24.94 -0.06 -22.77
N SER A 239 -24.52 1.20 -22.71
CA SER A 239 -24.55 2.06 -23.91
C SER A 239 -23.62 1.55 -25.01
N GLY A 240 -22.46 1.01 -24.62
CA GLY A 240 -21.50 0.41 -25.56
C GLY A 240 -22.05 -0.60 -26.59
N ILE A 241 -23.16 -1.23 -26.26
CA ILE A 241 -23.71 -2.26 -27.09
C ILE A 241 -24.79 -1.63 -27.90
N PHE A 242 -25.77 -1.08 -27.19
CA PHE A 242 -26.98 -0.65 -27.84
C PHE A 242 -26.81 0.69 -28.53
N GLU A 243 -25.72 1.39 -28.25
CA GLU A 243 -25.41 2.59 -29.04
C GLU A 243 -24.31 2.39 -30.08
N SER A 244 -23.87 1.15 -30.26
CA SER A 244 -22.90 0.83 -31.30
C SER A 244 -23.64 0.70 -32.62
N GLU A 245 -22.88 0.55 -33.70
CA GLU A 245 -23.48 0.39 -35.03
C GLU A 245 -24.25 -0.94 -35.18
N ASN A 246 -23.80 -1.98 -34.47
CA ASN A 246 -24.29 -3.35 -34.61
C ASN A 246 -24.49 -4.00 -33.25
N PRO A 247 -25.59 -3.66 -32.60
CA PRO A 247 -25.67 -4.10 -31.23
C PRO A 247 -25.44 -5.59 -31.06
N GLN A 248 -26.02 -6.37 -31.95
CA GLN A 248 -26.04 -7.80 -31.73
C GLN A 248 -24.61 -8.35 -31.79
N LYS A 249 -23.88 -7.93 -32.82
CA LYS A 249 -22.52 -8.41 -33.00
C LYS A 249 -21.63 -7.89 -31.88
N MET A 250 -21.87 -6.68 -31.44
CA MET A 250 -21.09 -6.13 -30.34
C MET A 250 -21.39 -6.88 -29.03
N ALA A 251 -22.66 -7.20 -28.82
CA ALA A 251 -23.06 -7.94 -27.63
C ALA A 251 -22.31 -9.30 -27.54
N SER A 252 -22.23 -9.98 -28.66
CA SER A 252 -21.69 -11.34 -28.69
C SER A 252 -20.18 -11.33 -28.58
N SER A 253 -19.56 -10.34 -29.19
CA SER A 253 -18.11 -10.22 -29.11
C SER A 253 -17.64 -9.87 -27.69
N ILE A 254 -18.42 -9.07 -26.97
CA ILE A 254 -18.04 -8.68 -25.62
C ILE A 254 -18.15 -9.92 -24.70
N VAL A 255 -19.18 -10.73 -24.88
CA VAL A 255 -19.31 -11.95 -24.11
C VAL A 255 -18.15 -12.88 -24.36
N MET A 256 -17.79 -13.05 -25.63
CA MET A 256 -16.71 -13.94 -26.03
C MET A 256 -15.41 -13.50 -25.40
N ALA A 257 -15.20 -12.18 -25.42
CA ALA A 257 -14.02 -11.57 -24.85
C ALA A 257 -13.94 -11.83 -23.36
N VAL A 258 -15.04 -11.61 -22.67
CA VAL A 258 -15.09 -11.90 -21.24
C VAL A 258 -14.80 -13.38 -20.92
N SER A 259 -15.35 -14.28 -21.73
CA SER A 259 -15.10 -15.73 -21.57
C SER A 259 -13.71 -16.12 -22.03
N ASN A 260 -13.00 -15.26 -22.76
CA ASN A 260 -11.68 -15.59 -23.32
C ASN A 260 -10.61 -14.49 -23.16
N PHE A 261 -10.62 -13.82 -22.01
CA PHE A 261 -9.97 -12.52 -21.86
C PHE A 261 -8.44 -12.54 -21.86
N ASN A 262 -7.92 -13.75 -21.76
CA ASN A 262 -6.51 -14.04 -21.87
C ASN A 262 -6.01 -14.57 -23.20
N ASN A 263 -6.87 -14.66 -24.22
CA ASN A 263 -6.49 -15.27 -25.49
C ASN A 263 -6.57 -14.18 -26.54
N PRO A 264 -5.44 -13.52 -26.77
CA PRO A 264 -5.30 -12.44 -27.76
C PRO A 264 -5.83 -12.78 -29.13
N LYS A 265 -5.69 -14.04 -29.52
CA LYS A 265 -6.11 -14.48 -30.85
C LYS A 265 -7.62 -14.46 -30.96
N ILE A 266 -8.34 -14.86 -29.93
CA ILE A 266 -9.80 -14.75 -29.95
C ILE A 266 -10.23 -13.28 -29.88
N LEU A 267 -9.54 -12.50 -29.05
CA LEU A 267 -9.79 -11.02 -28.90
C LEU A 267 -9.64 -10.23 -30.22
N LEU A 268 -8.62 -10.57 -30.99
CA LEU A 268 -8.50 -10.12 -32.39
C LEU A 268 -9.69 -10.55 -33.17
N ASN A 269 -9.92 -11.86 -33.16
CA ASN A 269 -10.91 -12.49 -34.03
C ASN A 269 -12.26 -11.84 -33.85
N VAL A 270 -12.67 -11.68 -32.60
CA VAL A 270 -13.98 -11.10 -32.32
C VAL A 270 -14.02 -9.56 -32.47
N SER A 271 -12.89 -8.93 -32.79
CA SER A 271 -12.82 -7.47 -32.99
C SER A 271 -12.82 -7.03 -34.47
N LEU A 272 -12.54 -7.96 -35.38
CA LEU A 272 -12.63 -7.72 -36.81
C LEU A 272 -14.03 -7.32 -37.28
N GLY A 273 -14.12 -6.22 -38.02
CA GLY A 273 -15.35 -5.83 -38.72
C GLY A 273 -16.50 -5.70 -37.78
N LEU A 274 -16.22 -5.18 -36.58
CA LEU A 274 -17.23 -4.99 -35.55
C LEU A 274 -18.21 -3.85 -35.84
N GLY A 275 -17.79 -2.89 -36.67
CA GLY A 275 -18.51 -1.65 -36.87
C GLY A 275 -17.98 -0.53 -35.98
N LYS A 276 -18.70 0.60 -35.98
CA LYS A 276 -18.37 1.73 -35.12
C LYS A 276 -18.80 1.46 -33.69
N ALA A 277 -17.95 1.79 -32.71
CA ALA A 277 -18.28 1.61 -31.28
C ALA A 277 -19.12 2.84 -30.90
N MET A 278 -19.72 2.88 -29.71
CA MET A 278 -20.47 4.09 -29.34
C MET A 278 -19.60 5.35 -29.43
N HIS A 279 -20.19 6.41 -29.94
CA HIS A 279 -19.51 7.69 -30.10
C HIS A 279 -18.82 8.14 -28.80
N GLY A 280 -19.58 8.19 -27.72
CA GLY A 280 -19.05 8.52 -26.40
C GLY A 280 -18.96 10.01 -26.11
N ASN A 281 -18.42 10.31 -24.94
CA ASN A 281 -18.27 11.67 -24.43
C ASN A 281 -17.01 11.80 -23.54
N THR A 282 -16.04 12.60 -23.97
CA THR A 282 -14.81 12.81 -23.20
C THR A 282 -14.89 13.95 -22.16
N LYS A 283 -16.01 14.65 -22.08
CA LYS A 283 -16.41 15.44 -20.88
C LYS A 283 -17.09 16.73 -21.26
N CYS B 17 30.13 -5.47 5.89
CA CYS B 17 28.80 -4.93 6.34
C CYS B 17 27.81 -5.98 6.89
N GLU B 18 27.76 -7.18 6.29
CA GLU B 18 26.93 -8.32 6.76
C GLU B 18 27.35 -8.85 8.15
N MET B 19 28.64 -8.68 8.44
CA MET B 19 29.22 -8.92 9.79
C MET B 19 28.43 -8.19 10.87
N LEU B 20 27.96 -7.00 10.51
CA LEU B 20 27.39 -6.04 11.47
C LEU B 20 25.99 -6.47 11.97
N LYS B 21 25.33 -7.34 11.23
CA LYS B 21 23.98 -7.78 11.61
C LYS B 21 23.98 -8.16 13.11
N GLY B 22 22.85 -7.92 13.77
CA GLY B 22 22.69 -8.13 15.22
C GLY B 22 23.56 -7.28 16.16
N GLY B 23 24.19 -6.21 15.68
CA GLY B 23 25.05 -5.42 16.55
C GLY B 23 24.57 -4.03 16.94
N VAL B 24 25.33 -3.46 17.89
CA VAL B 24 25.17 -2.12 18.40
C VAL B 24 26.46 -1.32 18.10
N ILE B 25 26.31 -0.18 17.40
CA ILE B 25 27.41 0.78 17.24
C ILE B 25 27.17 1.96 18.16
N MET B 26 28.21 2.34 18.89
CA MET B 26 28.12 3.39 19.90
C MET B 26 29.02 4.58 19.61
N ASP B 27 28.51 5.77 19.93
CA ASP B 27 29.20 7.02 19.67
C ASP B 27 30.03 7.34 20.89
N VAL B 28 31.32 7.59 20.65
CA VAL B 28 32.30 7.86 21.71
C VAL B 28 33.06 9.16 21.50
N LYS B 29 33.34 9.89 22.56
CA LYS B 29 34.07 11.15 22.44
C LYS B 29 35.53 11.04 22.91
N ASN B 30 35.90 9.91 23.54
CA ASN B 30 37.26 9.72 24.11
C ASN B 30 37.52 8.24 24.43
N VAL B 31 38.72 7.89 24.92
CA VAL B 31 39.05 6.46 25.17
C VAL B 31 38.26 5.81 26.27
N GLU B 32 38.02 6.52 27.35
CA GLU B 32 37.19 5.99 28.45
C GLU B 32 35.87 5.45 27.92
N GLN B 33 35.22 6.26 27.11
CA GLN B 33 33.92 5.89 26.55
C GLN B 33 34.06 4.73 25.59
N ALA B 34 35.11 4.78 24.79
CA ALA B 34 35.39 3.71 23.84
C ALA B 34 35.56 2.35 24.49
N LYS B 35 36.14 2.34 25.69
CA LYS B 35 36.37 1.10 26.44
C LYS B 35 35.12 0.60 27.06
N ILE B 36 34.30 1.51 27.57
CA ILE B 36 32.95 1.17 28.05
C ILE B 36 32.17 0.48 26.94
N ALA B 37 32.28 1.02 25.73
CA ALA B 37 31.59 0.45 24.58
C ALA B 37 32.10 -0.93 24.28
N GLU B 38 33.41 -1.08 24.21
CA GLU B 38 33.99 -2.38 23.89
C GLU B 38 33.62 -3.43 24.95
N LYS B 39 33.70 -3.01 26.19
CA LYS B 39 33.36 -3.89 27.28
C LYS B 39 31.94 -4.39 27.24
N ALA B 40 31.01 -3.50 26.82
CA ALA B 40 29.60 -3.82 26.65
C ALA B 40 29.29 -4.87 25.60
N GLY B 41 30.18 -5.08 24.63
CA GLY B 41 29.88 -5.96 23.47
C GLY B 41 29.48 -5.25 22.17
N ALA B 42 29.58 -3.92 22.15
CA ALA B 42 29.49 -3.13 20.89
C ALA B 42 30.35 -3.74 19.81
N ILE B 43 29.84 -3.77 18.57
CA ILE B 43 30.59 -4.34 17.46
C ILE B 43 31.39 -3.27 16.75
N GLY B 44 31.20 -2.03 17.17
CA GLY B 44 31.93 -0.92 16.61
C GLY B 44 31.68 0.33 17.40
N VAL B 45 32.59 1.29 17.26
CA VAL B 45 32.38 2.63 17.80
C VAL B 45 32.46 3.72 16.72
N MET B 46 31.69 4.77 16.93
CA MET B 46 31.61 5.88 15.98
C MET B 46 32.20 7.06 16.69
N ILE B 47 33.28 7.60 16.17
CA ILE B 47 34.01 8.61 16.91
C ILE B 47 33.51 10.02 16.69
N LEU B 48 33.29 10.77 17.76
CA LEU B 48 32.65 12.09 17.68
C LEU B 48 33.57 13.19 18.16
N GLU B 49 33.30 14.42 17.76
CA GLU B 49 33.99 15.56 18.38
C GLU B 49 33.59 15.60 19.85
N ASN B 50 34.58 15.82 20.71
CA ASN B 50 34.43 16.01 22.17
C ASN B 50 34.13 17.47 22.59
N ILE B 51 32.85 17.85 22.73
CA ILE B 51 32.54 19.27 22.95
C ILE B 51 32.22 19.56 24.42
N PRO B 52 32.94 20.55 25.05
CA PRO B 52 32.72 20.95 26.47
C PRO B 52 31.39 21.68 26.75
N THR B 58 26.54 27.60 20.74
CA THR B 58 25.95 26.25 20.66
C THR B 58 25.53 25.90 19.21
N ASP B 59 25.37 26.94 18.38
CA ASP B 59 25.35 26.87 16.92
C ASP B 59 26.74 26.34 16.56
N GLY B 60 27.55 27.01 15.77
CA GLY B 60 28.92 26.45 15.61
C GLY B 60 28.92 25.31 14.60
N VAL B 61 29.93 25.28 13.75
CA VAL B 61 29.97 24.40 12.60
C VAL B 61 30.56 23.08 13.03
N ALA B 62 29.90 21.99 12.71
CA ALA B 62 30.34 20.67 13.15
C ALA B 62 31.00 19.97 11.98
N ARG B 63 32.30 19.69 12.09
CA ARG B 63 33.11 19.14 10.98
C ARG B 63 33.69 17.80 11.35
N SER B 64 34.31 17.14 10.37
CA SER B 64 35.16 15.96 10.62
C SER B 64 36.03 16.11 11.85
N VAL B 65 36.24 15.01 12.57
CA VAL B 65 37.17 15.01 13.68
C VAL B 65 38.61 15.07 13.16
N ASP B 66 39.49 15.64 13.98
CA ASP B 66 40.95 15.59 13.76
C ASP B 66 41.41 14.13 13.68
N PRO B 67 42.06 13.74 12.58
CA PRO B 67 42.51 12.35 12.42
C PRO B 67 43.33 11.81 13.59
N LEU B 68 44.05 12.70 14.24
CA LEU B 68 44.87 12.31 15.39
C LEU B 68 44.02 11.64 16.45
N LYS B 69 42.86 12.24 16.71
CA LYS B 69 42.01 11.77 17.77
C LYS B 69 41.50 10.39 17.43
N ILE B 70 41.20 10.15 16.17
CA ILE B 70 40.66 8.85 15.78
C ILE B 70 41.75 7.83 15.97
N GLU B 71 42.95 8.21 15.57
CA GLU B 71 44.09 7.35 15.69
C GLU B 71 44.40 6.92 17.14
N GLU B 72 44.31 7.86 18.09
CA GLU B 72 44.47 7.58 19.53
C GLU B 72 43.47 6.57 20.10
N ILE B 73 42.22 6.68 19.65
CA ILE B 73 41.20 5.82 20.14
C ILE B 73 41.33 4.47 19.48
N ARG B 74 41.55 4.43 18.16
CA ARG B 74 41.61 3.15 17.41
C ARG B 74 42.64 2.13 17.98
N LYS B 75 43.72 2.69 18.50
CA LYS B 75 44.84 1.94 19.01
C LYS B 75 44.58 1.31 20.39
N CYS B 76 43.54 1.77 21.08
CA CYS B 76 43.20 1.29 22.43
C CYS B 76 42.00 0.32 22.43
N ILE B 77 41.60 -0.15 21.25
CA ILE B 77 40.47 -1.05 21.12
C ILE B 77 40.71 -1.93 19.91
N SER B 78 39.97 -3.03 19.87
CA SER B 78 40.05 -3.95 18.76
C SER B 78 38.70 -4.17 18.11
N ILE B 79 37.66 -3.42 18.51
CA ILE B 79 36.41 -3.40 17.75
C ILE B 79 36.50 -2.42 16.57
N ASN B 80 35.53 -2.50 15.65
CA ASN B 80 35.48 -1.59 14.51
C ASN B 80 35.34 -0.10 14.89
N VAL B 81 35.90 0.71 14.01
CA VAL B 81 36.01 2.14 14.20
C VAL B 81 35.40 2.89 13.01
N LEU B 82 34.51 3.84 13.31
CA LEU B 82 33.81 4.62 12.29
C LEU B 82 33.97 6.14 12.61
N ALA B 83 34.00 6.99 11.57
CA ALA B 83 33.97 8.46 11.71
C ALA B 83 32.96 9.13 10.74
N LYS B 84 32.59 10.36 11.04
CA LYS B 84 31.63 11.14 10.27
C LYS B 84 32.32 12.19 9.37
N VAL B 85 31.72 12.42 8.20
CA VAL B 85 32.03 13.54 7.31
C VAL B 85 30.76 14.32 6.95
N ARG B 86 30.92 15.58 6.60
CA ARG B 86 29.82 16.40 6.24
C ARG B 86 29.31 15.95 4.87
N ILE B 87 27.98 16.06 4.74
CA ILE B 87 27.29 15.81 3.51
C ILE B 87 27.90 16.63 2.38
N GLY B 88 28.34 15.91 1.37
CA GLY B 88 28.89 16.55 0.18
C GLY B 88 30.37 16.85 0.29
N HIS B 89 30.96 16.60 1.43
CA HIS B 89 32.37 16.97 1.60
C HIS B 89 33.35 15.83 1.21
N PHE B 90 33.60 15.71 -0.08
CA PHE B 90 34.36 14.56 -0.55
C PHE B 90 35.82 14.64 -0.21
N VAL B 91 36.30 15.80 0.23
CA VAL B 91 37.67 15.91 0.65
C VAL B 91 37.92 15.46 2.11
N GLU B 92 36.94 15.66 2.98
CA GLU B 92 37.02 15.13 4.32
C GLU B 92 37.07 13.64 4.22
N ALA B 93 36.24 13.10 3.34
CA ALA B 93 36.22 11.65 3.08
C ALA B 93 37.57 11.14 2.51
N GLN B 94 38.20 11.89 1.59
CA GLN B 94 39.51 11.45 1.04
C GLN B 94 40.59 11.41 2.15
N ILE B 95 40.59 12.41 2.97
CA ILE B 95 41.46 12.43 4.10
C ILE B 95 41.28 11.22 5.04
N LEU B 96 40.06 10.96 5.48
CA LEU B 96 39.78 9.76 6.30
C LEU B 96 39.98 8.42 5.60
N GLU B 97 39.79 8.41 4.28
CA GLU B 97 40.06 7.23 3.48
C GLU B 97 41.53 6.84 3.61
N GLU B 98 42.40 7.84 3.56
CA GLU B 98 43.85 7.59 3.72
C GLU B 98 44.16 6.95 5.04
N LEU B 99 43.31 7.22 6.03
CA LEU B 99 43.54 6.86 7.42
C LEU B 99 43.11 5.42 7.68
N LYS B 100 42.47 4.77 6.70
CA LYS B 100 42.17 3.31 6.78
C LYS B 100 41.13 2.94 7.82
N VAL B 101 40.11 3.77 7.94
CA VAL B 101 39.01 3.53 8.85
C VAL B 101 38.02 2.46 8.29
N ASP B 102 37.28 1.79 9.16
CA ASP B 102 36.40 0.69 8.74
C ASP B 102 35.15 1.18 8.00
N MET B 103 34.67 2.38 8.35
CA MET B 103 33.46 2.90 7.72
C MET B 103 33.32 4.40 7.96
N LEU B 104 32.84 5.12 6.95
CA LEU B 104 32.43 6.50 7.14
C LEU B 104 30.90 6.66 7.06
N ASP B 105 30.40 7.62 7.84
CA ASP B 105 28.97 8.00 7.88
C ASP B 105 28.83 9.40 7.32
N GLU B 106 28.27 9.57 6.13
CA GLU B 106 27.99 10.90 5.58
C GLU B 106 26.75 11.39 6.26
N SER B 107 26.93 12.30 7.22
CA SER B 107 25.95 12.51 8.29
C SER B 107 25.31 13.84 8.33
N GLU B 108 23.98 13.83 8.34
CA GLU B 108 23.20 15.06 8.51
C GLU B 108 23.39 15.73 9.90
N VAL B 109 24.04 15.06 10.82
CA VAL B 109 24.21 15.66 12.12
C VAL B 109 25.36 16.70 12.06
N LEU B 110 26.25 16.57 11.09
CA LEU B 110 27.26 17.61 10.91
C LEU B 110 26.65 18.72 10.02
N THR B 111 27.31 19.85 9.93
CA THR B 111 26.86 20.91 9.01
C THR B 111 27.11 20.55 7.55
N MET B 112 26.04 20.50 6.76
CA MET B 112 26.07 20.15 5.35
C MET B 112 27.12 21.02 4.68
N ALA B 113 27.84 20.47 3.72
CA ALA B 113 28.86 21.24 2.96
C ALA B 113 28.38 21.58 1.54
N ASP B 114 27.50 20.77 1.00
CA ASP B 114 26.94 20.97 -0.34
C ASP B 114 25.47 20.67 -0.22
N GLU B 115 24.66 21.71 -0.38
CA GLU B 115 23.24 21.61 -0.17
C GLU B 115 22.49 20.86 -1.28
N TYR B 116 23.14 20.59 -2.42
CA TYR B 116 22.50 19.86 -3.52
C TYR B 116 23.00 18.45 -3.79
N ASN B 117 24.30 18.23 -3.63
CA ASN B 117 24.94 16.96 -3.96
C ASN B 117 25.55 16.21 -2.72
N HIS B 118 25.34 14.90 -2.67
CA HIS B 118 26.02 14.06 -1.70
C HIS B 118 27.39 13.67 -2.33
N ILE B 119 28.30 13.15 -1.50
CA ILE B 119 29.53 12.50 -1.96
C ILE B 119 29.17 11.35 -2.94
N ASN B 120 29.97 11.26 -3.99
CA ASN B 120 29.95 10.08 -4.87
C ASN B 120 30.77 8.99 -4.18
N LYS B 121 30.06 8.06 -3.53
CA LYS B 121 30.69 7.14 -2.60
C LYS B 121 31.35 5.99 -3.35
N HIS B 122 30.99 5.83 -4.63
CA HIS B 122 31.61 4.82 -5.51
C HIS B 122 33.13 5.06 -5.68
N LYS B 123 33.61 6.26 -5.39
CA LYS B 123 35.03 6.54 -5.52
C LYS B 123 35.84 6.27 -4.27
N PHE B 124 35.28 5.51 -3.34
CA PHE B 124 36.02 5.12 -2.15
C PHE B 124 35.94 3.64 -1.97
N LYS B 125 36.99 3.14 -1.32
CA LYS B 125 37.12 1.78 -0.92
C LYS B 125 36.47 1.55 0.43
N THR B 126 36.56 2.54 1.31
CA THR B 126 35.83 2.49 2.60
C THR B 126 34.34 2.53 2.36
N PRO B 127 33.61 1.57 2.95
CA PRO B 127 32.16 1.59 2.83
C PRO B 127 31.59 2.84 3.52
N PHE B 128 30.51 3.37 2.95
CA PHE B 128 29.73 4.41 3.61
C PHE B 128 28.38 3.96 4.17
N VAL B 129 27.99 4.61 5.25
CA VAL B 129 26.64 4.58 5.76
C VAL B 129 25.98 5.95 5.63
N CYS B 130 24.70 5.98 5.24
CA CYS B 130 23.93 7.24 5.10
C CYS B 130 22.57 7.12 5.78
N GLY B 131 21.97 8.24 6.10
CA GLY B 131 20.66 8.25 6.73
C GLY B 131 19.49 8.29 5.73
N CYS B 132 18.30 7.97 6.21
CA CYS B 132 17.09 8.17 5.45
C CYS B 132 15.88 8.26 6.37
N THR B 133 14.82 8.85 5.86
CA THR B 133 13.53 8.85 6.50
C THR B 133 12.49 8.14 5.65
N ASN B 134 12.84 7.71 4.44
CA ASN B 134 11.85 7.11 3.51
C ASN B 134 12.55 6.28 2.42
N LEU B 135 11.84 5.42 1.71
CA LEU B 135 12.49 4.44 0.82
C LEU B 135 13.27 5.10 -0.34
N GLY B 136 12.73 6.20 -0.85
CA GLY B 136 13.31 6.83 -2.03
C GLY B 136 14.67 7.44 -1.72
N GLU B 137 14.73 8.17 -0.61
CA GLU B 137 15.98 8.67 -0.08
C GLU B 137 16.95 7.50 0.14
N ALA B 138 16.49 6.42 0.78
CA ALA B 138 17.41 5.33 1.03
C ALA B 138 18.04 4.96 -0.27
N LEU B 139 17.18 4.81 -1.29
CA LEU B 139 17.63 4.20 -2.54
C LEU B 139 18.51 5.15 -3.38
N ARG B 140 18.26 6.43 -3.24
CA ARG B 140 19.16 7.40 -3.80
C ARG B 140 20.55 7.31 -3.18
N ARG B 141 20.62 7.14 -1.86
CA ARG B 141 21.91 7.01 -1.19
C ARG B 141 22.62 5.75 -1.69
N ILE B 142 21.92 4.62 -1.78
CA ILE B 142 22.51 3.38 -2.29
C ILE B 142 23.00 3.59 -3.74
N SER B 143 22.22 4.28 -4.54
CA SER B 143 22.63 4.59 -5.92
C SER B 143 23.93 5.38 -5.95
N GLU B 144 24.07 6.32 -5.01
CA GLU B 144 25.29 7.11 -4.88
C GLU B 144 26.46 6.30 -4.36
N GLY B 145 26.19 5.07 -3.89
CA GLY B 145 27.24 4.15 -3.49
C GLY B 145 27.27 3.74 -2.03
N ALA B 146 26.27 4.08 -1.22
CA ALA B 146 26.30 3.73 0.22
C ALA B 146 26.30 2.24 0.34
N SER B 147 26.96 1.67 1.34
CA SER B 147 26.89 0.21 1.57
C SER B 147 25.98 -0.14 2.72
N MET B 148 25.47 0.85 3.42
CA MET B 148 24.66 0.60 4.61
C MET B 148 23.75 1.78 4.76
N ILE B 149 22.60 1.58 5.40
CA ILE B 149 21.66 2.66 5.64
C ILE B 149 21.21 2.69 7.10
N ARG B 150 20.91 3.88 7.60
CA ARG B 150 20.28 4.00 8.88
C ARG B 150 19.16 5.02 8.84
N THR B 151 18.22 4.94 9.77
CA THR B 151 17.24 6.01 9.89
C THR B 151 17.87 7.28 10.43
N LYS B 152 17.14 8.37 10.32
CA LYS B 152 17.68 9.60 10.84
C LYS B 152 17.22 9.74 12.23
N GLY B 153 16.03 9.19 12.55
CA GLY B 153 15.42 9.47 13.83
C GLY B 153 15.57 10.95 14.16
N GLU B 154 15.75 11.28 15.42
CA GLU B 154 15.99 12.63 15.81
C GLU B 154 17.15 12.61 16.81
N ALA B 155 18.32 12.96 16.34
CA ALA B 155 19.53 12.73 17.06
C ALA B 155 19.66 13.61 18.29
N GLY B 156 20.16 13.01 19.37
CA GLY B 156 20.44 13.73 20.61
C GLY B 156 19.23 14.09 21.45
N THR B 157 18.01 13.70 21.06
CA THR B 157 16.80 14.02 21.83
C THR B 157 16.39 12.99 22.84
N GLY B 158 16.89 11.77 22.77
CA GLY B 158 16.34 10.64 23.56
C GLY B 158 14.86 10.28 23.39
N ASN B 159 14.29 10.67 22.27
CA ASN B 159 12.88 10.41 21.97
C ASN B 159 12.82 9.50 20.76
N ILE B 160 12.19 8.36 20.89
CA ILE B 160 12.26 7.32 19.89
C ILE B 160 11.30 7.58 18.69
N ILE B 161 10.42 8.59 18.77
CA ILE B 161 9.23 8.64 17.89
C ILE B 161 9.51 8.80 16.42
N GLU B 162 10.47 9.62 16.09
CA GLU B 162 10.83 9.82 14.69
C GLU B 162 11.48 8.60 14.12
N ALA B 163 12.33 7.91 14.90
CA ALA B 163 12.93 6.67 14.42
C ALA B 163 11.83 5.71 14.04
N ILE B 164 10.87 5.50 14.93
CA ILE B 164 9.77 4.55 14.63
C ILE B 164 9.00 4.92 13.33
N LYS B 165 8.66 6.19 13.24
CA LYS B 165 8.11 6.73 12.00
C LYS B 165 8.91 6.35 10.77
N HIS B 166 10.21 6.58 10.79
CA HIS B 166 11.05 6.28 9.64
C HIS B 166 11.13 4.81 9.38
N ILE B 167 11.13 3.99 10.42
CA ILE B 167 11.29 2.56 10.21
C ILE B 167 10.03 2.06 9.53
N ARG B 168 8.88 2.54 10.01
CA ARG B 168 7.56 2.09 9.53
C ARG B 168 7.29 2.62 8.11
N THR B 169 7.69 3.86 7.85
CA THR B 169 7.53 4.46 6.52
C THR B 169 8.24 3.62 5.47
N VAL B 170 9.49 3.26 5.76
CA VAL B 170 10.28 2.44 4.87
C VAL B 170 9.72 1.02 4.77
N ASN B 171 9.38 0.39 5.88
CA ASN B 171 8.86 -0.97 5.81
C ASN B 171 7.58 -1.04 4.96
N ASN B 172 6.71 -0.08 5.14
CA ASN B 172 5.49 -0.11 4.40
C ASN B 172 5.75 0.02 2.89
N GLU B 173 6.42 1.13 2.52
CA GLU B 173 6.73 1.37 1.12
C GLU B 173 7.40 0.14 0.51
N ILE B 174 8.27 -0.56 1.24
CA ILE B 174 8.89 -1.79 0.70
C ILE B 174 7.90 -2.93 0.39
N LYS B 175 6.93 -3.09 1.27
CA LYS B 175 5.99 -4.25 1.24
C LYS B 175 4.92 -3.97 0.19
N TYR B 176 4.49 -2.73 0.15
CA TYR B 176 3.64 -2.18 -0.90
C TYR B 176 4.32 -2.36 -2.28
N LEU B 177 5.44 -1.68 -2.52
CA LEU B 177 6.24 -1.96 -3.67
C LEU B 177 6.18 -3.45 -4.07
N CYS B 178 6.46 -4.33 -3.09
CA CYS B 178 6.61 -5.80 -3.33
C CYS B 178 5.36 -6.52 -3.86
N SER B 179 4.22 -5.89 -3.61
CA SER B 179 2.95 -6.35 -4.12
C SER B 179 2.61 -5.88 -5.55
N LEU B 180 3.03 -4.64 -5.90
CA LEU B 180 2.68 -3.94 -7.16
C LEU B 180 2.85 -4.83 -8.37
N ASP B 181 1.91 -4.73 -9.31
CA ASP B 181 2.04 -5.48 -10.57
C ASP B 181 3.18 -4.90 -11.41
N GLU B 182 3.70 -5.71 -12.32
CA GLU B 182 4.89 -5.36 -13.09
C GLU B 182 4.77 -4.03 -13.84
N SER B 183 3.57 -3.65 -14.26
CA SER B 183 3.49 -2.41 -14.99
C SER B 183 3.41 -1.18 -14.05
N GLU B 184 2.95 -1.38 -12.83
CA GLU B 184 2.75 -0.27 -11.89
C GLU B 184 4.05 0.23 -11.27
N VAL B 185 5.10 -0.59 -11.29
CA VAL B 185 6.35 -0.20 -10.73
C VAL B 185 6.94 1.10 -11.32
N TYR B 186 6.70 1.36 -12.60
CA TYR B 186 7.31 2.51 -13.26
C TYR B 186 6.87 3.84 -12.66
N ASN B 187 5.57 4.03 -12.58
CA ASN B 187 5.05 5.23 -11.95
C ASN B 187 5.39 5.36 -10.46
N PHE B 188 5.44 4.26 -9.73
CA PHE B 188 5.90 4.31 -8.37
C PHE B 188 7.35 4.80 -8.29
N ALA B 189 8.22 4.31 -9.18
CA ALA B 189 9.61 4.65 -9.20
C ALA B 189 9.77 6.16 -9.46
N LYS B 190 8.96 6.68 -10.34
CA LYS B 190 8.87 8.14 -10.54
C LYS B 190 8.36 8.93 -9.34
N LYS B 191 7.42 8.37 -8.58
CA LYS B 191 7.05 9.00 -7.30
C LYS B 191 8.12 8.86 -6.23
N LEU B 192 8.80 7.73 -6.10
CA LEU B 192 9.88 7.64 -5.09
C LEU B 192 11.11 8.51 -5.49
N ARG B 193 11.18 8.85 -6.79
CA ARG B 193 12.32 9.53 -7.40
C ARG B 193 13.53 8.71 -7.13
N ALA B 194 13.43 7.46 -7.54
CA ALA B 194 14.43 6.44 -7.19
C ALA B 194 14.70 5.59 -8.42
N PRO B 195 15.88 4.99 -8.54
CA PRO B 195 16.24 4.17 -9.70
C PRO B 195 15.46 2.87 -9.78
N ILE B 196 14.97 2.54 -10.97
CA ILE B 196 14.15 1.34 -11.15
C ILE B 196 14.90 0.03 -10.93
N ASP B 197 16.20 -0.01 -11.20
CA ASP B 197 17.03 -1.20 -10.93
C ASP B 197 16.97 -1.59 -9.47
N LEU B 198 17.16 -0.60 -8.61
CA LEU B 198 17.20 -0.81 -7.17
C LEU B 198 15.81 -1.08 -6.66
N ILE B 199 14.82 -0.46 -7.30
CA ILE B 199 13.44 -0.69 -6.91
C ILE B 199 13.06 -2.13 -7.18
N LEU B 200 13.41 -2.60 -8.37
CA LEU B 200 13.16 -3.99 -8.71
C LEU B 200 13.94 -4.96 -7.81
N LEU B 201 15.15 -4.59 -7.38
CA LEU B 201 15.96 -5.44 -6.51
C LEU B 201 15.30 -5.47 -5.12
N THR B 202 14.87 -4.29 -4.68
CA THR B 202 14.19 -4.18 -3.41
C THR B 202 12.97 -5.04 -3.41
N ARG B 203 12.27 -5.13 -4.54
CA ARG B 203 11.06 -5.95 -4.55
C ARG B 203 11.34 -7.43 -4.70
N LYS B 204 12.51 -7.76 -5.22
CA LYS B 204 12.93 -9.15 -5.32
C LYS B 204 13.54 -9.71 -4.01
N LEU B 205 14.13 -8.86 -3.16
CA LEU B 205 14.65 -9.26 -1.85
C LEU B 205 13.60 -9.14 -0.76
N LYS B 206 12.50 -8.47 -1.08
CA LYS B 206 11.43 -8.26 -0.12
C LYS B 206 11.85 -7.35 1.06
N ARG B 207 13.09 -6.85 0.98
CA ARG B 207 13.64 -5.86 1.91
C ARG B 207 14.67 -4.98 1.23
N LEU B 208 15.30 -4.15 2.04
CA LEU B 208 16.33 -3.26 1.61
C LEU B 208 17.62 -4.00 1.26
N PRO B 209 18.25 -3.63 0.15
CA PRO B 209 19.35 -4.35 -0.44
C PRO B 209 20.71 -4.14 0.23
N VAL B 210 20.76 -3.38 1.32
CA VAL B 210 21.94 -3.24 2.14
C VAL B 210 21.53 -3.33 3.59
N VAL B 211 22.55 -3.50 4.45
CA VAL B 211 22.38 -3.53 5.89
C VAL B 211 21.74 -2.24 6.33
N ASN B 212 20.82 -2.33 7.30
CA ASN B 212 19.89 -1.26 7.61
C ASN B 212 19.65 -1.19 9.11
N PHE B 213 20.16 -0.14 9.74
CA PHE B 213 20.16 0.02 11.22
C PHE B 213 19.22 1.13 11.63
N ALA B 214 18.81 1.15 12.88
CA ALA B 214 18.07 2.29 13.43
C ALA B 214 18.99 3.23 14.17
N ALA B 215 18.68 4.52 14.19
CA ALA B 215 19.54 5.54 14.79
C ALA B 215 18.73 6.76 15.16
N GLY B 216 19.16 7.43 16.22
CA GLY B 216 18.60 8.69 16.66
C GLY B 216 17.52 8.46 17.67
N GLY B 217 17.71 8.95 18.91
CA GLY B 217 16.70 8.82 19.98
C GLY B 217 16.64 7.62 20.91
N ILE B 218 17.45 6.59 20.67
CA ILE B 218 17.34 5.36 21.44
C ILE B 218 17.94 5.54 22.82
N ALA B 219 17.10 5.46 23.85
CA ALA B 219 17.47 5.80 25.22
C ALA B 219 17.28 4.65 26.30
N THR B 220 16.69 3.51 25.91
CA THR B 220 16.45 2.41 26.81
C THR B 220 16.56 1.09 26.08
N PRO B 221 16.75 0.00 26.83
CA PRO B 221 16.72 -1.32 26.22
C PRO B 221 15.43 -1.59 25.49
N ALA B 222 14.31 -1.11 26.06
CA ALA B 222 12.99 -1.25 25.46
C ALA B 222 12.99 -0.62 24.07
N ASP B 223 13.49 0.62 23.97
CA ASP B 223 13.60 1.30 22.64
C ASP B 223 14.38 0.50 21.59
N ALA B 224 15.54 -0.03 22.00
CA ALA B 224 16.40 -0.80 21.08
C ALA B 224 15.71 -2.08 20.57
N ALA B 225 14.98 -2.77 21.45
CA ALA B 225 14.32 -4.03 21.08
C ALA B 225 13.17 -3.76 20.13
N MET B 226 12.50 -2.63 20.35
CA MET B 226 11.40 -2.19 19.52
C MET B 226 11.82 -2.04 18.07
N CYS B 227 12.93 -1.35 17.81
CA CYS B 227 13.46 -1.26 16.44
C CYS B 227 13.80 -2.64 15.86
N MET B 228 14.35 -3.52 16.69
CA MET B 228 14.68 -4.83 16.20
C MET B 228 13.40 -5.63 15.89
N GLN B 229 12.40 -5.53 16.79
CA GLN B 229 11.10 -6.22 16.52
C GLN B 229 10.46 -5.68 15.25
N LEU B 230 10.76 -4.43 14.86
CA LEU B 230 10.29 -3.90 13.57
C LEU B 230 11.15 -4.21 12.33
N GLY B 231 12.10 -5.13 12.43
CA GLY B 231 12.82 -5.65 11.27
C GLY B 231 14.22 -5.09 11.01
N MET B 232 14.69 -4.15 11.83
CA MET B 232 16.03 -3.59 11.65
C MET B 232 17.13 -4.59 11.93
N ASP B 233 18.29 -4.33 11.36
CA ASP B 233 19.43 -5.28 11.45
C ASP B 233 20.32 -4.93 12.60
N GLY B 234 20.08 -3.80 13.26
CA GLY B 234 20.90 -3.36 14.36
C GLY B 234 20.62 -1.91 14.68
N VAL B 235 21.47 -1.36 15.53
CA VAL B 235 21.18 -0.07 16.11
C VAL B 235 22.45 0.75 16.28
N PHE B 236 22.30 2.10 16.18
CA PHE B 236 23.32 3.08 16.58
C PHE B 236 22.79 3.82 17.79
N VAL B 237 23.61 3.94 18.83
CA VAL B 237 23.24 4.67 20.02
C VAL B 237 24.36 5.54 20.47
N GLY B 238 24.06 6.69 21.02
CA GLY B 238 25.09 7.60 21.43
C GLY B 238 24.72 8.23 22.75
N SER B 239 23.99 9.34 22.66
CA SER B 239 23.62 10.13 23.84
C SER B 239 22.95 9.28 24.95
N GLY B 240 22.14 8.28 24.52
CA GLY B 240 21.33 7.48 25.44
C GLY B 240 22.13 6.67 26.47
N ILE B 241 23.38 6.40 26.13
CA ILE B 241 24.29 5.67 26.99
C ILE B 241 25.04 6.66 27.83
N PHE B 242 25.70 7.60 27.19
CA PHE B 242 26.66 8.44 27.92
C PHE B 242 26.02 9.63 28.57
N GLU B 243 24.72 9.78 28.46
CA GLU B 243 24.03 10.75 29.28
C GLU B 243 23.08 10.12 30.27
N SER B 244 23.03 8.79 30.32
CA SER B 244 22.30 8.07 31.36
C SER B 244 23.04 8.17 32.70
N GLU B 245 22.42 7.67 33.77
CA GLU B 245 23.04 7.69 35.10
C GLU B 245 24.28 6.83 35.16
N ASN B 246 24.21 5.67 34.51
CA ASN B 246 25.19 4.59 34.61
C ASN B 246 25.56 4.07 33.22
N PRO B 247 26.46 4.78 32.55
CA PRO B 247 26.76 4.46 31.15
C PRO B 247 27.17 3.01 30.87
N GLN B 248 27.94 2.42 31.77
CA GLN B 248 28.44 1.07 31.56
C GLN B 248 27.28 0.09 31.65
N LYS B 249 26.44 0.24 32.66
CA LYS B 249 25.31 -0.66 32.78
C LYS B 249 24.27 -0.40 31.65
N MET B 250 24.11 0.85 31.24
CA MET B 250 23.16 1.14 30.16
C MET B 250 23.64 0.51 28.87
N ALA B 251 24.94 0.64 28.61
CA ALA B 251 25.51 0.19 27.35
C ALA B 251 25.40 -1.33 27.26
N SER B 252 25.75 -2.00 28.33
CA SER B 252 25.67 -3.47 28.37
C SER B 252 24.23 -3.98 28.20
N SER B 253 23.28 -3.28 28.82
CA SER B 253 21.86 -3.69 28.70
C SER B 253 21.30 -3.51 27.28
N ILE B 254 21.71 -2.44 26.62
CA ILE B 254 21.29 -2.21 25.23
C ILE B 254 21.83 -3.32 24.33
N VAL B 255 23.07 -3.75 24.57
CA VAL B 255 23.67 -4.86 23.80
C VAL B 255 22.89 -6.19 23.96
N MET B 256 22.59 -6.53 25.22
CA MET B 256 21.78 -7.72 25.52
C MET B 256 20.41 -7.65 24.84
N ALA B 257 19.82 -6.47 24.92
CA ALA B 257 18.51 -6.20 24.35
C ALA B 257 18.49 -6.44 22.86
N VAL B 258 19.51 -5.96 22.20
CA VAL B 258 19.58 -6.11 20.75
C VAL B 258 19.80 -7.56 20.36
N SER B 259 20.68 -8.24 21.08
CA SER B 259 20.89 -9.67 20.93
C SER B 259 19.71 -10.56 21.33
N ASN B 260 18.82 -10.07 22.20
CA ASN B 260 17.71 -10.85 22.73
C ASN B 260 16.32 -10.18 22.55
N PHE B 261 16.15 -9.43 21.46
CA PHE B 261 15.00 -8.54 21.27
C PHE B 261 13.63 -9.21 21.27
N ASN B 262 13.59 -10.52 21.10
CA ASN B 262 12.34 -11.26 21.08
C ASN B 262 12.10 -11.99 22.40
N ASN B 263 12.97 -11.74 23.38
CA ASN B 263 12.89 -12.38 24.71
C ASN B 263 12.51 -11.36 25.77
N PRO B 264 11.22 -11.20 26.01
CA PRO B 264 10.78 -10.21 27.01
C PRO B 264 11.26 -10.46 28.44
N LYS B 265 11.53 -11.72 28.80
CA LYS B 265 11.99 -12.04 30.16
C LYS B 265 13.38 -11.45 30.35
N ILE B 266 14.20 -11.54 29.30
CA ILE B 266 15.56 -10.96 29.35
C ILE B 266 15.55 -9.44 29.28
N LEU B 267 14.64 -8.89 28.45
CA LEU B 267 14.39 -7.45 28.41
C LEU B 267 13.92 -6.91 29.76
N LEU B 268 13.11 -7.66 30.49
CA LEU B 268 12.86 -7.23 31.87
C LEU B 268 14.17 -7.18 32.67
N ASN B 269 14.99 -8.23 32.56
CA ASN B 269 16.10 -8.34 33.50
C ASN B 269 17.19 -7.33 33.32
N VAL B 270 17.47 -6.96 32.09
CA VAL B 270 18.45 -5.95 31.88
C VAL B 270 17.88 -4.52 32.04
N SER B 271 16.60 -4.37 32.39
CA SER B 271 16.08 -3.03 32.67
C SER B 271 15.94 -2.75 34.18
N LEU B 272 15.84 -3.79 34.98
CA LEU B 272 15.87 -3.63 36.44
C LEU B 272 17.09 -2.86 36.88
N GLY B 273 16.83 -1.75 37.59
CA GLY B 273 17.84 -0.98 38.35
C GLY B 273 18.87 -0.28 37.47
N LEU B 274 18.40 0.15 36.32
CA LEU B 274 19.24 0.79 35.33
C LEU B 274 19.69 2.18 35.76
N GLY B 275 19.02 2.78 36.73
CA GLY B 275 19.15 4.20 36.98
C GLY B 275 18.33 5.04 35.98
N LYS B 276 18.54 6.35 35.98
CA LYS B 276 17.85 7.25 35.07
C LYS B 276 18.42 7.18 33.65
N ALA B 277 17.52 7.11 32.66
CA ALA B 277 17.90 7.21 31.26
C ALA B 277 18.17 8.68 31.00
N MET B 278 18.72 9.01 29.84
CA MET B 278 18.96 10.41 29.51
C MET B 278 17.67 11.23 29.55
N HIS B 279 17.81 12.49 29.91
CA HIS B 279 16.70 13.41 30.17
C HIS B 279 15.87 13.63 28.89
N GLY B 280 16.59 13.96 27.83
CA GLY B 280 16.03 14.18 26.53
C GLY B 280 15.47 15.59 26.39
N ASN B 281 14.81 15.82 25.26
CA ASN B 281 14.17 17.08 24.90
C ASN B 281 12.99 16.80 23.98
N THR B 282 11.77 17.21 24.36
CA THR B 282 10.57 16.93 23.51
C THR B 282 10.16 17.99 22.44
N LYS B 283 10.81 19.15 22.44
CA LYS B 283 10.85 20.06 21.25
C LYS B 283 10.50 21.47 21.68
#